data_5H3H
#
_entry.id   5H3H
#
_cell.length_a   76.765
_cell.length_b   76.765
_cell.length_c   68.161
_cell.angle_alpha   90.00
_cell.angle_beta   90.00
_cell.angle_gamma   120.00
#
_symmetry.space_group_name_H-M   'P 3'
#
loop_
_entity.id
_entity.type
_entity.pdbx_description
1 polymer 'Abhydrolase domain-containing protein'
2 non-polymer 'ETHANEPEROXOIC ACID'
3 water water
#
_entity_poly.entity_id   1
_entity_poly.type   'polypeptide(L)'
_entity_poly.pdbx_seq_one_letter_code
;MGTFIQAVDGTKIYVEDIGSGQPVVMLHGWPANNNMFEYQKNRLLEEGYRYIGVDYRGYGKSDAPATGYDYTTMASDINE
VIQQLKLTNVTLLGFSMGGGIALKYLLNHGESNVSKLILAGAAAPVFTQRDGYPYGMTKDEVDALIEDTKQDRPSMLKGF
GEIFFAKEHPEPLQQWFHNLSVDASSHGTIQSAIALRDEDLRDGLPKITVDTLIMHGKKDQVCPFEFAEVMHENIAGSRL
EVFEESGHGMFLDEREKFTETLVSYVKSSQTV
;
_entity_poly.pdbx_strand_id   A,B
#
# COMPACT_ATOMS: atom_id res chain seq x y z
N MET A 1 -1.71 -18.77 18.71
CA MET A 1 -0.22 -18.57 18.77
C MET A 1 0.37 -17.84 17.60
N GLY A 2 1.44 -17.12 17.85
CA GLY A 2 2.09 -16.36 16.82
C GLY A 2 1.64 -14.93 16.91
N THR A 3 2.51 -14.06 16.49
CA THR A 3 2.24 -12.66 16.60
C THR A 3 1.36 -12.19 15.46
N PHE A 4 1.15 -10.89 15.48
CA PHE A 4 0.60 -10.17 14.38
C PHE A 4 1.72 -9.28 13.90
N ILE A 5 1.77 -9.10 12.60
CA ILE A 5 2.74 -8.18 12.00
C ILE A 5 1.98 -7.05 11.39
N GLN A 6 2.48 -5.80 11.51
CA GLN A 6 1.87 -4.69 10.76
C GLN A 6 2.33 -4.62 9.32
N ALA A 7 1.36 -4.60 8.41
CA ALA A 7 1.58 -4.23 7.01
C ALA A 7 1.93 -2.78 6.89
N VAL A 8 2.52 -2.44 5.75
CA VAL A 8 2.86 -1.04 5.48
C VAL A 8 1.70 -0.08 5.74
N ASP A 9 0.47 -0.48 5.42
CA ASP A 9 -0.71 0.38 5.68
C ASP A 9 -1.34 0.19 7.11
N GLY A 10 -0.65 -0.54 7.99
CA GLY A 10 -1.07 -0.79 9.36
C GLY A 10 -1.91 -2.05 9.63
N THR A 11 -2.49 -2.66 8.60
CA THR A 11 -3.32 -3.88 8.78
C THR A 11 -2.53 -4.88 9.60
N LYS A 12 -3.20 -5.52 10.57
CA LYS A 12 -2.56 -6.52 11.37
C LYS A 12 -2.63 -7.80 10.53
N ILE A 13 -1.50 -8.51 10.44
CA ILE A 13 -1.38 -9.76 9.68
C ILE A 13 -0.95 -10.84 10.68
N TYR A 14 -1.76 -11.90 10.81
CA TYR A 14 -1.43 -12.94 11.77
C TYR A 14 -0.44 -13.89 11.17
N VAL A 15 0.60 -14.22 11.93
CA VAL A 15 1.62 -15.15 11.51
C VAL A 15 1.81 -16.20 12.60
N GLU A 16 1.70 -17.49 12.25
CA GLU A 16 1.97 -18.63 13.17
C GLU A 16 3.44 -19.03 13.07
N ASP A 17 4.18 -18.92 14.16
CA ASP A 17 5.62 -19.15 14.10
C ASP A 17 5.95 -20.24 15.09
N ILE A 18 6.32 -21.41 14.58
CA ILE A 18 6.42 -22.56 15.44
C ILE A 18 7.51 -23.51 14.93
N GLY A 19 8.26 -24.09 15.88
CA GLY A 19 9.34 -25.03 15.58
C GLY A 19 10.70 -24.36 15.50
N SER A 20 11.75 -25.18 15.37
CA SER A 20 13.16 -24.70 15.31
C SER A 20 13.84 -25.07 14.03
N GLY A 21 14.82 -24.23 13.68
CA GLY A 21 15.66 -24.38 12.51
C GLY A 21 15.35 -23.40 11.38
N GLN A 22 15.68 -23.83 10.17
CA GLN A 22 15.57 -23.04 8.94
C GLN A 22 14.10 -22.85 8.61
N PRO A 23 13.73 -21.66 8.11
CA PRO A 23 12.31 -21.31 7.98
C PRO A 23 11.61 -21.85 6.73
N VAL A 24 10.35 -22.31 6.89
CA VAL A 24 9.49 -22.76 5.81
C VAL A 24 8.22 -21.84 5.86
N VAL A 25 8.11 -20.91 4.91
CA VAL A 25 7.03 -19.93 4.87
C VAL A 25 5.98 -20.53 3.93
N MET A 26 4.79 -20.77 4.43
CA MET A 26 3.71 -21.39 3.65
C MET A 26 2.59 -20.38 3.49
N LEU A 27 2.11 -20.22 2.25
CA LEU A 27 1.13 -19.20 1.83
C LEU A 27 -0.10 -19.87 1.30
N HIS A 28 -1.23 -19.58 1.93
CA HIS A 28 -2.45 -20.38 1.71
C HIS A 28 -3.18 -20.00 0.43
N GLY A 29 -4.14 -20.83 0.06
CA GLY A 29 -5.00 -20.61 -1.10
C GLY A 29 -6.26 -19.87 -0.78
N TRP A 30 -6.93 -19.51 -1.85
CA TRP A 30 -8.21 -18.77 -1.73
C TRP A 30 -9.28 -19.81 -1.45
N PRO A 31 -10.23 -19.60 -0.49
CA PRO A 31 -10.33 -18.47 0.41
C PRO A 31 -10.15 -18.95 1.87
N ALA A 32 -9.09 -19.74 2.09
CA ALA A 32 -8.86 -20.47 3.31
C ALA A 32 -7.98 -19.65 4.31
N ASN A 33 -7.08 -20.27 5.01
CA ASN A 33 -6.14 -19.57 5.89
C ASN A 33 -5.03 -20.49 6.18
N ASN A 34 -4.05 -20.08 6.99
CA ASN A 34 -2.89 -20.94 7.22
C ASN A 34 -3.12 -22.29 7.82
N ASN A 35 -4.22 -22.50 8.53
CA ASN A 35 -4.51 -23.81 9.12
C ASN A 35 -4.70 -24.91 8.12
N MET A 36 -4.93 -24.58 6.84
CA MET A 36 -4.90 -25.63 5.83
C MET A 36 -3.62 -26.50 5.75
N PHE A 37 -2.47 -25.99 6.21
CA PHE A 37 -1.19 -26.70 6.21
C PHE A 37 -0.89 -27.48 7.53
N GLU A 38 -1.90 -27.62 8.39
CA GLU A 38 -1.77 -28.30 9.67
C GLU A 38 -0.92 -29.54 9.65
N TYR A 39 -1.16 -30.45 8.72
CA TYR A 39 -0.48 -31.72 8.66
C TYR A 39 1.01 -31.59 8.29
N GLN A 40 1.29 -30.61 7.44
CA GLN A 40 2.65 -30.31 7.04
C GLN A 40 3.39 -29.67 8.15
N LYS A 41 2.70 -28.76 8.82
CA LYS A 41 3.20 -28.07 9.95
C LYS A 41 3.68 -29.07 11.04
N ASN A 42 2.84 -30.04 11.37
CA ASN A 42 3.21 -31.07 12.33
C ASN A 42 4.51 -31.76 11.94
N ARG A 43 4.60 -32.18 10.68
CA ARG A 43 5.69 -32.97 10.08
C ARG A 43 7.01 -32.16 10.01
N LEU A 44 6.89 -30.85 9.79
CA LEU A 44 8.05 -29.95 9.83
C LEU A 44 8.72 -29.89 11.20
N LEU A 45 7.88 -29.74 12.21
CA LEU A 45 8.31 -29.57 13.59
C LEU A 45 9.05 -30.83 14.10
N GLU A 46 8.55 -32.03 13.80
CA GLU A 46 9.28 -33.24 14.12
C GLU A 46 10.54 -33.49 13.25
N GLU A 47 10.60 -33.03 11.98
CA GLU A 47 11.86 -33.10 11.20
C GLU A 47 12.88 -31.99 11.56
N GLY A 48 12.46 -31.00 12.36
CA GLY A 48 13.41 -29.96 12.89
C GLY A 48 13.54 -28.78 11.94
N TYR A 49 12.39 -28.29 11.45
CA TYR A 49 12.31 -27.08 10.66
C TYR A 49 11.37 -26.17 11.33
N ARG A 50 11.40 -24.90 10.92
CA ARG A 50 10.54 -23.87 11.52
C ARG A 50 9.43 -23.52 10.52
N TYR A 51 8.19 -23.78 10.93
CA TYR A 51 6.99 -23.44 10.16
C TYR A 51 6.59 -22.01 10.36
N ILE A 52 6.36 -21.26 9.28
CA ILE A 52 5.87 -19.89 9.32
C ILE A 52 4.64 -19.83 8.45
N GLY A 53 3.47 -19.77 9.09
CA GLY A 53 2.19 -19.77 8.42
C GLY A 53 1.53 -18.42 8.45
N VAL A 54 1.40 -17.73 7.32
CA VAL A 54 0.72 -16.45 7.30
C VAL A 54 -0.74 -16.53 6.81
N ASP A 55 -1.63 -15.78 7.47
CA ASP A 55 -2.99 -15.58 7.06
C ASP A 55 -2.95 -14.24 6.34
N TYR A 56 -3.42 -14.21 5.10
CA TYR A 56 -3.47 -12.95 4.34
C TYR A 56 -4.48 -12.02 5.00
N ARG A 57 -4.26 -10.75 4.76
CA ARG A 57 -5.26 -9.78 5.03
C ARG A 57 -6.61 -10.26 4.46
N GLY A 58 -7.66 -10.20 5.29
CA GLY A 58 -8.97 -10.63 4.93
C GLY A 58 -9.33 -12.07 5.29
N TYR A 59 -8.39 -12.82 5.85
CA TYR A 59 -8.54 -14.27 6.02
C TYR A 59 -8.10 -14.65 7.42
N GLY A 60 -8.67 -15.76 7.91
CA GLY A 60 -8.27 -16.29 9.22
C GLY A 60 -8.30 -15.26 10.32
N LYS A 61 -7.21 -15.10 11.02
CA LYS A 61 -7.18 -14.21 12.18
C LYS A 61 -6.60 -12.87 11.85
N SER A 62 -6.33 -12.61 10.59
CA SER A 62 -5.87 -11.25 10.21
C SER A 62 -7.03 -10.29 10.07
N ASP A 63 -6.72 -8.99 10.17
CA ASP A 63 -7.67 -7.96 9.83
C ASP A 63 -8.08 -7.98 8.38
N ALA A 64 -9.25 -7.38 8.14
CA ALA A 64 -9.90 -7.41 6.85
C ALA A 64 -10.21 -6.00 6.31
N PRO A 65 -9.18 -5.27 5.85
CA PRO A 65 -9.49 -3.95 5.25
C PRO A 65 -10.42 -3.96 4.02
N ALA A 66 -10.94 -2.79 3.67
CA ALA A 66 -11.79 -2.69 2.49
C ALA A 66 -10.98 -2.85 1.18
N THR A 67 -9.64 -2.80 1.31
CA THR A 67 -8.70 -2.68 0.18
C THR A 67 -7.40 -3.48 0.31
N GLY A 68 -6.78 -3.75 -0.85
CA GLY A 68 -5.45 -4.33 -0.84
C GLY A 68 -5.35 -5.79 -1.16
N TYR A 69 -6.26 -6.30 -1.99
CA TYR A 69 -6.33 -7.74 -2.24
C TYR A 69 -5.62 -8.12 -3.56
N ASP A 70 -5.05 -7.13 -4.20
CA ASP A 70 -4.28 -7.34 -5.45
C ASP A 70 -2.93 -7.96 -5.01
N TYR A 71 -2.26 -8.66 -5.92
CA TYR A 71 -1.03 -9.31 -5.59
C TYR A 71 0.11 -8.38 -5.14
N THR A 72 0.17 -7.15 -5.63
CA THR A 72 1.21 -6.18 -5.17
C THR A 72 1.16 -5.94 -3.69
N THR A 73 -0.04 -5.59 -3.20
CA THR A 73 -0.29 -5.32 -1.78
C THR A 73 -0.08 -6.57 -0.94
N MET A 74 -0.58 -7.71 -1.41
CA MET A 74 -0.34 -8.97 -0.71
C MET A 74 1.15 -9.33 -0.62
N ALA A 75 1.89 -9.13 -1.72
CA ALA A 75 3.34 -9.39 -1.76
C ALA A 75 4.14 -8.46 -0.78
N SER A 76 3.64 -7.25 -0.61
CA SER A 76 4.22 -6.29 0.40
C SER A 76 3.95 -6.77 1.83
N ASP A 77 2.80 -7.38 2.04
CA ASP A 77 2.54 -8.03 3.32
C ASP A 77 3.55 -9.14 3.57
N ILE A 78 3.81 -9.99 2.56
CA ILE A 78 4.76 -11.07 2.74
C ILE A 78 6.16 -10.50 3.01
N ASN A 79 6.46 -9.41 2.32
CA ASN A 79 7.75 -8.74 2.51
C ASN A 79 7.91 -8.30 3.96
N GLU A 80 6.90 -7.67 4.54
CA GLU A 80 6.93 -7.28 5.97
C GLU A 80 7.13 -8.47 6.91
N VAL A 81 6.47 -9.59 6.62
CA VAL A 81 6.65 -10.76 7.45
C VAL A 81 8.11 -11.22 7.43
N ILE A 82 8.67 -11.29 6.23
CA ILE A 82 10.04 -11.76 6.07
C ILE A 82 11.04 -10.79 6.74
N GLN A 83 10.75 -9.50 6.63
CA GLN A 83 11.54 -8.44 7.28
C GLN A 83 11.47 -8.45 8.80
N GLN A 84 10.27 -8.44 9.39
CA GLN A 84 10.18 -8.40 10.87
C GLN A 84 10.91 -9.62 11.40
N LEU A 85 10.61 -10.78 10.82
CA LEU A 85 11.09 -12.00 11.42
C LEU A 85 12.50 -12.34 11.02
N LYS A 86 13.07 -11.58 10.08
CA LYS A 86 14.47 -11.64 9.75
C LYS A 86 14.83 -12.97 9.13
N LEU A 87 13.95 -13.43 8.26
CA LEU A 87 14.10 -14.77 7.70
C LEU A 87 15.02 -14.83 6.49
N THR A 88 15.96 -15.76 6.56
CA THR A 88 16.82 -16.03 5.41
C THR A 88 16.82 -17.53 5.15
N ASN A 89 17.38 -17.93 4.02
CA ASN A 89 17.38 -19.34 3.60
C ASN A 89 15.97 -19.96 3.71
N VAL A 90 14.97 -19.18 3.28
CA VAL A 90 13.55 -19.55 3.27
C VAL A 90 13.23 -20.59 2.21
N THR A 91 12.48 -21.63 2.60
CA THR A 91 11.74 -22.43 1.62
C THR A 91 10.33 -21.83 1.59
N LEU A 92 9.96 -21.25 0.48
CA LEU A 92 8.71 -20.49 0.34
C LEU A 92 7.71 -21.33 -0.39
N LEU A 93 6.65 -21.79 0.25
CA LEU A 93 5.65 -22.58 -0.42
C LEU A 93 4.43 -21.72 -0.65
N GLY A 94 3.98 -21.64 -1.87
CA GLY A 94 2.74 -20.95 -2.23
C GLY A 94 1.76 -21.95 -2.80
N PHE A 95 0.59 -22.04 -2.18
CA PHE A 95 -0.46 -22.93 -2.61
C PHE A 95 -1.53 -22.12 -3.33
N SER A 96 -1.79 -22.49 -4.56
CA SER A 96 -2.83 -21.85 -5.37
C SER A 96 -2.69 -20.35 -5.49
N MET A 97 -3.66 -19.52 -5.05
CA MET A 97 -3.39 -18.11 -5.05
C MET A 97 -2.10 -17.75 -4.39
N GLY A 98 -1.75 -18.46 -3.33
CA GLY A 98 -0.46 -18.24 -2.71
C GLY A 98 0.77 -18.41 -3.58
N GLY A 99 0.71 -19.32 -4.52
CA GLY A 99 1.75 -19.39 -5.54
C GLY A 99 1.87 -18.12 -6.35
N GLY A 100 0.74 -17.52 -6.74
CA GLY A 100 0.78 -16.24 -7.40
C GLY A 100 1.40 -15.14 -6.57
N ILE A 101 1.00 -15.08 -5.30
CA ILE A 101 1.53 -14.12 -4.33
C ILE A 101 3.02 -14.32 -4.08
N ALA A 102 3.42 -15.57 -3.91
CA ALA A 102 4.87 -15.91 -3.81
C ALA A 102 5.73 -15.43 -5.02
N LEU A 103 5.27 -15.71 -6.22
CA LEU A 103 5.90 -15.18 -7.47
C LEU A 103 5.89 -13.64 -7.41
N LYS A 104 4.79 -12.99 -7.07
CA LYS A 104 4.78 -11.54 -7.05
C LYS A 104 5.80 -11.01 -6.05
N TYR A 105 5.86 -11.65 -4.89
CA TYR A 105 6.87 -11.26 -3.86
C TYR A 105 8.30 -11.32 -4.41
N LEU A 106 8.66 -12.41 -5.08
CA LEU A 106 9.99 -12.55 -5.68
C LEU A 106 10.27 -11.48 -6.72
N LEU A 107 9.29 -11.25 -7.59
CA LEU A 107 9.35 -10.23 -8.62
C LEU A 107 9.49 -8.83 -8.09
N ASN A 108 8.76 -8.49 -7.05
CA ASN A 108 8.73 -7.12 -6.56
C ASN A 108 9.76 -6.83 -5.49
N HIS A 109 10.18 -7.82 -4.74
CA HIS A 109 11.06 -7.58 -3.56
C HIS A 109 12.40 -8.31 -3.60
N GLY A 110 12.60 -9.17 -4.59
CA GLY A 110 13.84 -9.83 -4.79
C GLY A 110 13.88 -11.23 -4.30
N GLU A 111 14.92 -11.92 -4.70
CA GLU A 111 14.96 -13.40 -4.51
C GLU A 111 15.95 -13.83 -3.45
N SER A 112 16.72 -12.91 -2.86
CA SER A 112 17.88 -13.35 -2.03
C SER A 112 17.56 -14.03 -0.69
N ASN A 113 16.37 -13.75 -0.13
CA ASN A 113 15.87 -14.39 1.12
C ASN A 113 15.39 -15.79 0.92
N VAL A 114 15.08 -16.14 -0.31
CA VAL A 114 14.50 -17.48 -0.63
C VAL A 114 15.49 -18.42 -1.27
N SER A 115 15.78 -19.47 -0.56
CA SER A 115 16.63 -20.49 -1.07
C SER A 115 15.91 -21.38 -2.00
N LYS A 116 14.64 -21.61 -1.73
CA LYS A 116 13.85 -22.37 -2.72
C LYS A 116 12.42 -22.05 -2.66
N LEU A 117 11.78 -22.28 -3.81
CA LEU A 117 10.38 -21.97 -4.00
C LEU A 117 9.67 -23.26 -4.30
N ILE A 118 8.48 -23.47 -3.70
CA ILE A 118 7.63 -24.58 -4.06
C ILE A 118 6.32 -24.00 -4.57
N LEU A 119 5.90 -24.41 -5.75
CA LEU A 119 4.64 -23.93 -6.28
C LEU A 119 3.74 -25.14 -6.31
N ALA A 120 2.67 -25.09 -5.48
CA ALA A 120 1.79 -26.20 -5.28
C ALA A 120 0.41 -25.84 -5.71
N GLY A 121 -0.10 -26.52 -6.73
CA GLY A 121 -1.44 -26.18 -7.21
C GLY A 121 -1.54 -24.74 -7.57
N ALA A 122 -0.40 -24.12 -7.97
CA ALA A 122 -0.37 -22.68 -8.08
C ALA A 122 -1.29 -22.12 -9.17
N ALA A 123 -1.92 -21.00 -8.84
CA ALA A 123 -2.69 -20.17 -9.77
C ALA A 123 -1.74 -19.21 -10.54
N ALA A 124 -0.92 -19.80 -11.41
CA ALA A 124 0.24 -19.12 -12.02
C ALA A 124 0.58 -19.77 -13.35
N PRO A 125 1.02 -18.99 -14.35
CA PRO A 125 1.20 -17.57 -14.29
C PRO A 125 -0.16 -16.80 -14.35
N VAL A 126 -1.25 -17.49 -14.70
CA VAL A 126 -2.56 -16.89 -14.72
C VAL A 126 -3.56 -17.91 -14.23
N PHE A 127 -4.56 -17.46 -13.44
CA PHE A 127 -5.67 -18.33 -13.06
C PHE A 127 -6.73 -18.49 -14.16
N THR A 128 -6.81 -17.50 -15.04
CA THR A 128 -7.82 -17.49 -16.08
C THR A 128 -7.17 -17.48 -17.47
N GLN A 129 -7.98 -17.88 -18.49
CA GLN A 129 -7.56 -17.99 -19.89
C GLN A 129 -7.03 -16.70 -20.46
N ARG A 130 -6.00 -16.81 -21.30
CA ARG A 130 -5.44 -15.71 -22.00
C ARG A 130 -5.02 -16.17 -23.41
N ASP A 131 -4.59 -15.23 -24.26
CA ASP A 131 -4.03 -15.59 -25.56
C ASP A 131 -2.86 -16.54 -25.33
N GLY A 132 -2.82 -17.67 -26.07
CA GLY A 132 -1.77 -18.67 -25.92
C GLY A 132 -1.79 -19.43 -24.58
N TYR A 133 -2.95 -19.46 -23.92
CA TYR A 133 -3.08 -20.04 -22.55
C TYR A 133 -4.52 -20.48 -22.39
N PRO A 134 -4.90 -21.52 -23.12
CA PRO A 134 -6.26 -21.95 -23.26
C PRO A 134 -6.69 -22.89 -22.13
N TYR A 135 -6.27 -22.59 -20.93
CA TYR A 135 -6.41 -23.42 -19.78
C TYR A 135 -7.08 -22.67 -18.66
N GLY A 136 -7.95 -23.38 -17.94
CA GLY A 136 -8.53 -22.89 -16.72
C GLY A 136 -9.83 -22.19 -16.95
N MET A 137 -10.28 -21.50 -15.92
CA MET A 137 -11.49 -20.76 -15.97
C MET A 137 -11.32 -19.54 -16.87
N THR A 138 -12.42 -19.17 -17.54
CA THR A 138 -12.46 -17.88 -18.23
C THR A 138 -12.82 -16.80 -17.22
N LYS A 139 -12.47 -15.56 -17.51
CA LYS A 139 -12.94 -14.43 -16.66
C LYS A 139 -14.44 -14.47 -16.41
N ASP A 140 -15.21 -14.81 -17.44
CA ASP A 140 -16.68 -14.92 -17.28
C ASP A 140 -17.06 -16.02 -16.26
N GLU A 141 -16.30 -17.09 -16.18
CA GLU A 141 -16.61 -18.12 -15.16
C GLU A 141 -16.27 -17.60 -13.79
N VAL A 142 -15.23 -16.80 -13.71
CA VAL A 142 -14.88 -16.23 -12.42
C VAL A 142 -15.91 -15.19 -12.01
N ASP A 143 -16.40 -14.40 -12.96
CA ASP A 143 -17.51 -13.49 -12.66
C ASP A 143 -18.77 -14.16 -12.18
N ALA A 144 -19.15 -15.29 -12.79
CA ALA A 144 -20.27 -16.11 -12.31
C ALA A 144 -19.99 -16.62 -10.89
N LEU A 145 -18.74 -16.98 -10.61
CA LEU A 145 -18.33 -17.36 -9.27
C LEU A 145 -18.44 -16.20 -8.29
N ILE A 146 -18.04 -15.01 -8.68
CA ILE A 146 -18.26 -13.81 -7.86
C ILE A 146 -19.79 -13.58 -7.61
N GLU A 147 -20.63 -13.70 -8.65
CA GLU A 147 -22.11 -13.58 -8.50
C GLU A 147 -22.64 -14.50 -7.45
N ASP A 148 -22.19 -15.76 -7.51
CA ASP A 148 -22.63 -16.83 -6.58
C ASP A 148 -22.23 -16.47 -5.22
N THR A 149 -20.99 -15.96 -5.06
CA THR A 149 -20.52 -15.63 -3.72
C THR A 149 -21.29 -14.45 -3.08
N LYS A 150 -21.76 -13.50 -3.89
CA LYS A 150 -22.73 -12.45 -3.47
C LYS A 150 -24.21 -12.94 -3.32
N GLN A 151 -24.56 -14.13 -3.78
CA GLN A 151 -25.89 -14.66 -3.50
C GLN A 151 -25.98 -15.62 -2.33
N ASP A 152 -25.03 -16.55 -2.24
CA ASP A 152 -24.99 -17.52 -1.15
C ASP A 152 -23.48 -17.98 -1.09
N ARG A 153 -22.65 -17.32 -0.29
CA ARG A 153 -21.24 -17.74 -0.15
C ARG A 153 -21.05 -19.19 0.33
N PRO A 154 -21.88 -19.64 1.33
CA PRO A 154 -21.68 -21.00 1.78
C PRO A 154 -21.93 -22.03 0.71
N SER A 155 -22.91 -21.80 -0.15
CA SER A 155 -23.18 -22.77 -1.21
C SER A 155 -22.11 -22.70 -2.28
N MET A 156 -21.58 -21.51 -2.55
CA MET A 156 -20.45 -21.35 -3.48
C MET A 156 -19.29 -22.19 -2.96
N LEU A 157 -19.01 -22.05 -1.67
CA LEU A 157 -17.95 -22.77 -0.99
C LEU A 157 -18.14 -24.26 -1.03
N LYS A 158 -19.38 -24.71 -0.84
CA LYS A 158 -19.65 -26.13 -0.96
C LYS A 158 -19.28 -26.64 -2.33
N GLY A 159 -19.69 -25.89 -3.36
CA GLY A 159 -19.38 -26.24 -4.74
C GLY A 159 -17.91 -26.28 -5.05
N PHE A 160 -17.20 -25.28 -4.57
CA PHE A 160 -15.79 -25.18 -4.70
C PHE A 160 -15.10 -26.42 -4.07
N GLY A 161 -15.55 -26.81 -2.87
CA GLY A 161 -15.12 -28.02 -2.16
C GLY A 161 -15.23 -29.32 -2.95
N GLU A 162 -16.31 -29.41 -3.68
CA GLU A 162 -16.61 -30.54 -4.52
C GLU A 162 -15.62 -30.69 -5.67
N ILE A 163 -15.12 -29.58 -6.23
CA ILE A 163 -14.13 -29.61 -7.28
C ILE A 163 -12.68 -29.51 -6.79
N PHE A 164 -12.47 -29.35 -5.49
CA PHE A 164 -11.17 -29.04 -4.90
C PHE A 164 -10.38 -30.34 -4.70
N PHE A 165 -11.06 -31.44 -4.34
CA PHE A 165 -10.37 -32.71 -4.07
C PHE A 165 -10.74 -33.76 -5.08
N ALA A 166 -9.78 -34.53 -5.56
CA ALA A 166 -10.14 -35.65 -6.39
C ALA A 166 -10.77 -36.81 -5.62
N LYS A 167 -10.50 -36.92 -4.33
CA LYS A 167 -10.95 -38.10 -3.58
C LYS A 167 -11.94 -37.63 -2.56
N GLU A 168 -12.65 -38.59 -2.00
CA GLU A 168 -13.80 -38.32 -1.15
C GLU A 168 -13.28 -38.47 0.23
N HIS A 169 -13.09 -37.37 0.93
CA HIS A 169 -12.50 -37.41 2.25
C HIS A 169 -13.61 -37.55 3.29
N PRO A 170 -13.26 -38.02 4.50
CA PRO A 170 -14.35 -38.11 5.50
C PRO A 170 -15.03 -36.78 5.78
N GLU A 171 -16.34 -36.84 6.03
CA GLU A 171 -17.12 -35.63 6.37
C GLU A 171 -16.48 -34.63 7.36
N PRO A 172 -15.99 -35.09 8.53
CA PRO A 172 -15.36 -34.12 9.48
C PRO A 172 -14.17 -33.37 8.88
N LEU A 173 -13.44 -34.07 8.04
CA LEU A 173 -12.29 -33.44 7.33
C LEU A 173 -12.72 -32.37 6.32
N GLN A 174 -13.67 -32.71 5.47
CA GLN A 174 -14.31 -31.77 4.54
C GLN A 174 -14.97 -30.58 5.22
N GLN A 175 -15.65 -30.84 6.33
CA GLN A 175 -16.24 -29.79 7.15
C GLN A 175 -15.16 -28.85 7.72
N TRP A 176 -14.08 -29.38 8.25
CA TRP A 176 -13.01 -28.52 8.84
C TRP A 176 -12.45 -27.62 7.74
N PHE A 177 -12.25 -28.21 6.56
CA PHE A 177 -11.83 -27.42 5.39
C PHE A 177 -12.79 -26.31 4.94
N HIS A 178 -14.06 -26.69 4.81
CA HIS A 178 -15.15 -25.75 4.56
C HIS A 178 -15.15 -24.60 5.56
N ASN A 179 -14.98 -24.87 6.85
CA ASN A 179 -15.00 -23.77 7.82
C ASN A 179 -13.81 -22.80 7.83
N LEU A 180 -12.64 -23.23 7.39
CA LEU A 180 -11.56 -22.27 7.07
C LEU A 180 -12.02 -21.18 6.13
N SER A 181 -12.77 -21.58 5.12
CA SER A 181 -13.26 -20.63 4.09
C SER A 181 -14.42 -19.83 4.59
N VAL A 182 -15.29 -20.42 5.42
CA VAL A 182 -16.45 -19.65 5.86
C VAL A 182 -16.01 -18.51 6.79
N ASP A 183 -14.98 -18.68 7.59
CA ASP A 183 -14.59 -17.56 8.43
C ASP A 183 -13.78 -16.46 7.71
N ALA A 184 -13.43 -16.61 6.44
CA ALA A 184 -12.92 -15.49 5.61
C ALA A 184 -13.88 -14.38 5.58
N SER A 185 -13.36 -13.17 5.53
CA SER A 185 -14.21 -12.02 5.26
C SER A 185 -14.88 -12.18 3.92
N SER A 186 -16.13 -11.78 3.81
CA SER A 186 -16.84 -11.86 2.57
C SER A 186 -16.24 -10.90 1.53
N HIS A 187 -15.93 -9.68 1.96
CA HIS A 187 -15.34 -8.72 1.01
C HIS A 187 -13.89 -9.09 0.58
N GLY A 188 -13.04 -9.57 1.47
CA GLY A 188 -11.75 -10.11 1.07
C GLY A 188 -11.89 -11.25 0.07
N THR A 189 -12.73 -12.21 0.40
CA THR A 189 -13.06 -13.27 -0.57
C THR A 189 -13.38 -12.75 -1.98
N ILE A 190 -14.26 -11.76 -2.05
CA ILE A 190 -14.64 -11.18 -3.33
C ILE A 190 -13.51 -10.44 -4.05
N GLN A 191 -12.80 -9.58 -3.34
CA GLN A 191 -11.73 -8.82 -3.96
C GLN A 191 -10.57 -9.67 -4.42
N SER A 192 -10.30 -10.77 -3.70
CA SER A 192 -9.25 -11.70 -4.08
C SER A 192 -9.64 -12.48 -5.37
N ALA A 193 -10.92 -12.80 -5.49
CA ALA A 193 -11.44 -13.45 -6.66
C ALA A 193 -11.27 -12.50 -7.87
N ILE A 194 -11.45 -11.19 -7.64
CA ILE A 194 -11.17 -10.18 -8.68
C ILE A 194 -9.67 -10.21 -9.06
N ALA A 195 -8.78 -10.36 -8.09
CA ALA A 195 -7.36 -10.49 -8.38
C ALA A 195 -7.01 -11.78 -9.12
N LEU A 196 -7.53 -12.91 -8.67
CA LEU A 196 -7.41 -14.13 -9.42
C LEU A 196 -7.85 -13.99 -10.86
N ARG A 197 -8.98 -13.32 -11.10
CA ARG A 197 -9.44 -13.16 -12.47
C ARG A 197 -8.49 -12.34 -13.38
N ASP A 198 -7.86 -11.30 -12.82
CA ASP A 198 -7.15 -10.32 -13.59
C ASP A 198 -5.63 -10.43 -13.64
N GLU A 199 -4.99 -10.84 -12.52
CA GLU A 199 -3.52 -10.90 -12.41
C GLU A 199 -2.86 -11.79 -13.50
N ASP A 200 -1.69 -11.39 -13.99
CA ASP A 200 -1.03 -12.11 -15.09
C ASP A 200 0.48 -11.95 -14.82
N LEU A 201 1.11 -13.06 -14.55
CA LEU A 201 2.52 -13.10 -14.22
C LEU A 201 3.40 -13.72 -15.33
N ARG A 202 2.87 -13.81 -16.55
CA ARG A 202 3.60 -14.44 -17.69
C ARG A 202 4.88 -13.75 -18.03
N ASP A 203 4.91 -12.42 -17.87
CA ASP A 203 6.12 -11.68 -18.22
C ASP A 203 7.21 -11.90 -17.18
N GLY A 204 6.82 -12.20 -15.94
CA GLY A 204 7.71 -12.37 -14.83
C GLY A 204 8.29 -13.74 -14.68
N LEU A 205 7.60 -14.80 -15.08
CA LEU A 205 8.18 -16.15 -14.92
C LEU A 205 9.60 -16.37 -15.47
N PRO A 206 9.87 -15.89 -16.70
CA PRO A 206 11.24 -16.15 -17.17
C PRO A 206 12.27 -15.32 -16.41
N LYS A 207 11.83 -14.34 -15.65
CA LYS A 207 12.72 -13.55 -14.80
C LYS A 207 13.08 -14.30 -13.50
N ILE A 208 12.34 -15.36 -13.13
CA ILE A 208 12.59 -16.07 -11.86
C ILE A 208 13.89 -16.87 -11.89
N THR A 209 14.76 -16.65 -10.90
CA THR A 209 16.04 -17.41 -10.79
C THR A 209 16.11 -18.43 -9.60
N VAL A 210 15.19 -18.39 -8.64
CA VAL A 210 15.27 -19.33 -7.49
C VAL A 210 15.08 -20.78 -7.93
N ASP A 211 15.76 -21.68 -7.23
CA ASP A 211 15.50 -23.10 -7.40
C ASP A 211 14.01 -23.37 -7.10
N THR A 212 13.36 -24.17 -7.95
CA THR A 212 11.88 -24.27 -7.94
C THR A 212 11.44 -25.68 -8.14
N LEU A 213 10.62 -26.14 -7.18
CA LEU A 213 9.83 -27.36 -7.30
C LEU A 213 8.38 -27.03 -7.63
N ILE A 214 7.77 -27.69 -8.62
CA ILE A 214 6.35 -27.43 -8.93
C ILE A 214 5.66 -28.71 -8.54
N MET A 215 4.70 -28.62 -7.64
CA MET A 215 3.90 -29.77 -7.27
C MET A 215 2.51 -29.56 -7.81
N HIS A 216 1.93 -30.53 -8.52
CA HIS A 216 0.61 -30.31 -9.07
C HIS A 216 -0.11 -31.62 -9.33
N GLY A 217 -1.42 -31.58 -9.08
CA GLY A 217 -2.24 -32.74 -9.23
C GLY A 217 -2.68 -32.85 -10.63
N LYS A 218 -2.51 -34.04 -11.22
CA LYS A 218 -2.97 -34.30 -12.57
C LYS A 218 -4.48 -34.03 -12.75
N LYS A 219 -5.29 -34.29 -11.73
CA LYS A 219 -6.72 -34.15 -11.81
C LYS A 219 -7.23 -32.82 -11.34
N ASP A 220 -6.35 -31.84 -11.14
CA ASP A 220 -6.74 -30.57 -10.61
C ASP A 220 -7.82 -29.91 -11.49
N GLN A 221 -8.97 -29.68 -10.89
CA GLN A 221 -10.10 -29.04 -11.57
C GLN A 221 -10.20 -27.55 -11.29
N VAL A 222 -9.39 -27.01 -10.37
CA VAL A 222 -9.39 -25.61 -10.01
C VAL A 222 -8.30 -24.86 -10.79
N CYS A 223 -7.08 -25.31 -10.65
CA CYS A 223 -5.95 -24.85 -11.49
C CYS A 223 -5.54 -26.06 -12.34
N PRO A 224 -5.97 -26.14 -13.62
CA PRO A 224 -5.59 -27.36 -14.40
C PRO A 224 -4.10 -27.67 -14.49
N PHE A 225 -3.81 -28.96 -14.64
CA PHE A 225 -2.42 -29.45 -14.67
C PHE A 225 -1.56 -28.75 -15.75
N GLU A 226 -2.24 -28.29 -16.81
CA GLU A 226 -1.59 -27.53 -17.87
C GLU A 226 -0.89 -26.28 -17.30
N PHE A 227 -1.40 -25.71 -16.20
CA PHE A 227 -0.69 -24.59 -15.55
C PHE A 227 0.69 -25.00 -15.12
N ALA A 228 0.76 -26.19 -14.54
CA ALA A 228 2.03 -26.68 -14.00
C ALA A 228 3.07 -26.88 -15.15
N GLU A 229 2.59 -27.36 -16.29
CA GLU A 229 3.44 -27.54 -17.53
C GLU A 229 3.94 -26.18 -17.98
N VAL A 230 3.08 -25.17 -18.00
CA VAL A 230 3.54 -23.80 -18.28
C VAL A 230 4.59 -23.22 -17.26
N MET A 231 4.43 -23.48 -15.97
CA MET A 231 5.36 -23.00 -14.98
C MET A 231 6.75 -23.66 -15.18
N HIS A 232 6.74 -24.94 -15.50
CA HIS A 232 7.95 -25.74 -15.67
C HIS A 232 8.62 -25.30 -16.96
N GLU A 233 7.81 -25.11 -18.01
CA GLU A 233 8.35 -24.54 -19.26
C GLU A 233 9.01 -23.17 -19.10
N ASN A 234 8.49 -22.28 -18.24
CA ASN A 234 8.92 -20.92 -18.08
C ASN A 234 9.89 -20.56 -16.94
N ILE A 235 10.07 -21.44 -15.96
CA ILE A 235 10.98 -21.19 -14.90
C ILE A 235 12.25 -22.04 -15.15
N ALA A 236 13.39 -21.37 -15.34
CA ALA A 236 14.63 -22.06 -15.72
C ALA A 236 15.14 -22.90 -14.55
N GLY A 237 15.51 -24.14 -14.81
CA GLY A 237 16.01 -25.01 -13.77
C GLY A 237 14.93 -25.70 -12.93
N SER A 238 13.63 -25.48 -13.19
CA SER A 238 12.59 -26.01 -12.34
C SER A 238 12.36 -27.52 -12.46
N ARG A 239 11.81 -28.11 -11.38
CA ARG A 239 11.49 -29.55 -11.36
C ARG A 239 9.99 -29.62 -11.24
N LEU A 240 9.39 -30.47 -12.05
CA LEU A 240 7.97 -30.79 -11.94
C LEU A 240 7.79 -32.15 -11.26
N GLU A 241 6.98 -32.21 -10.19
CA GLU A 241 6.53 -33.46 -9.54
C GLU A 241 5.02 -33.63 -9.72
N VAL A 242 4.58 -34.70 -10.41
CA VAL A 242 3.22 -34.86 -10.78
C VAL A 242 2.54 -35.74 -9.75
N PHE A 243 1.43 -35.24 -9.21
CA PHE A 243 0.63 -36.00 -8.25
C PHE A 243 -0.49 -36.65 -9.04
N GLU A 244 -0.24 -37.88 -9.40
CA GLU A 244 -1.10 -38.59 -10.32
C GLU A 244 -2.50 -38.83 -9.82
N GLU A 245 -2.69 -38.94 -8.52
CA GLU A 245 -3.99 -39.29 -7.94
C GLU A 245 -4.76 -38.08 -7.38
N SER A 246 -4.18 -36.88 -7.47
CA SER A 246 -4.70 -35.69 -6.79
C SER A 246 -5.37 -34.69 -7.68
N GLY A 247 -6.36 -34.00 -7.09
CA GLY A 247 -6.94 -32.80 -7.64
C GLY A 247 -6.18 -31.60 -7.08
N HIS A 248 -6.89 -30.49 -6.84
CA HIS A 248 -6.28 -29.28 -6.32
C HIS A 248 -5.71 -29.52 -4.91
N GLY A 249 -6.47 -30.19 -4.06
CA GLY A 249 -6.06 -30.41 -2.69
C GLY A 249 -5.12 -31.60 -2.46
N MET A 250 -3.93 -31.55 -3.05
CA MET A 250 -3.02 -32.69 -2.97
C MET A 250 -2.57 -32.99 -1.50
N PHE A 251 -2.57 -31.94 -0.67
CA PHE A 251 -2.29 -31.98 0.75
C PHE A 251 -3.24 -32.90 1.59
N LEU A 252 -4.40 -33.24 1.04
CA LEU A 252 -5.20 -34.36 1.47
C LEU A 252 -5.33 -35.53 0.52
N ASP A 253 -5.43 -35.32 -0.81
CA ASP A 253 -5.61 -36.45 -1.68
C ASP A 253 -4.37 -37.39 -1.67
N GLU A 254 -3.19 -36.82 -1.48
CA GLU A 254 -1.95 -37.60 -1.40
C GLU A 254 -1.11 -37.04 -0.27
N ARG A 255 -1.70 -37.00 0.94
CA ARG A 255 -1.11 -36.25 2.08
C ARG A 255 0.35 -36.68 2.37
N GLU A 256 0.59 -37.97 2.38
CA GLU A 256 1.92 -38.50 2.72
C GLU A 256 2.94 -38.12 1.60
N LYS A 257 2.59 -38.31 0.34
CA LYS A 257 3.53 -37.99 -0.77
C LYS A 257 3.76 -36.50 -0.82
N PHE A 258 2.69 -35.74 -0.62
CA PHE A 258 2.85 -34.30 -0.53
C PHE A 258 3.78 -33.89 0.57
N THR A 259 3.59 -34.40 1.78
CA THR A 259 4.44 -33.93 2.85
C THR A 259 5.86 -34.56 2.75
N GLU A 260 6.02 -35.81 2.26
CA GLU A 260 7.40 -36.39 2.15
C GLU A 260 8.19 -35.58 1.10
N THR A 261 7.50 -35.24 0.01
CA THR A 261 8.07 -34.45 -1.09
C THR A 261 8.51 -33.09 -0.62
N LEU A 262 7.72 -32.46 0.25
CA LEU A 262 8.02 -31.14 0.82
C LEU A 262 9.20 -31.22 1.73
N VAL A 263 9.20 -32.26 2.55
CA VAL A 263 10.27 -32.49 3.52
C VAL A 263 11.57 -32.82 2.79
N SER A 264 11.53 -33.73 1.85
CA SER A 264 12.71 -34.08 1.05
C SER A 264 13.25 -32.83 0.31
N TYR A 265 12.38 -31.95 -0.16
CA TYR A 265 12.91 -30.77 -0.84
C TYR A 265 13.49 -29.75 0.11
N VAL A 266 12.93 -29.58 1.29
CA VAL A 266 13.45 -28.59 2.19
C VAL A 266 14.81 -29.04 2.73
N LYS A 267 15.02 -30.35 2.88
CA LYS A 267 16.36 -30.89 3.17
C LYS A 267 17.28 -30.64 1.95
N SER A 268 17.31 -31.57 0.98
CA SER A 268 18.12 -31.45 -0.24
C SER A 268 18.77 -30.08 -0.47
N MET B 1 -14.47 19.80 -15.35
CA MET B 1 -13.54 19.97 -14.19
C MET B 1 -13.27 21.45 -13.85
N GLY B 2 -14.06 22.06 -12.96
CA GLY B 2 -15.26 21.47 -12.36
C GLY B 2 -15.30 21.63 -10.85
N THR B 3 -15.39 20.50 -10.14
CA THR B 3 -15.92 20.50 -8.77
C THR B 3 -15.42 19.39 -7.81
N PHE B 4 -16.32 18.48 -7.40
CA PHE B 4 -16.27 17.84 -6.07
C PHE B 4 -16.12 16.33 -6.12
N ILE B 5 -15.34 15.81 -5.17
CA ILE B 5 -15.06 14.40 -5.09
C ILE B 5 -15.70 13.91 -3.82
N GLN B 6 -16.28 12.70 -3.85
CA GLN B 6 -16.84 12.11 -2.63
C GLN B 6 -15.79 11.34 -1.82
N ALA B 7 -15.57 11.72 -0.56
CA ALA B 7 -14.73 10.94 0.38
C ALA B 7 -15.46 9.68 0.82
N VAL B 8 -14.77 8.84 1.58
CA VAL B 8 -15.40 7.56 2.02
C VAL B 8 -16.61 7.81 2.89
N ASP B 9 -16.47 8.79 3.79
CA ASP B 9 -17.59 9.23 4.61
C ASP B 9 -18.60 10.16 3.90
N GLY B 10 -18.51 10.40 2.59
CA GLY B 10 -19.48 11.26 1.89
C GLY B 10 -19.15 12.75 1.86
N THR B 11 -18.19 13.19 2.68
CA THR B 11 -17.74 14.60 2.64
C THR B 11 -17.41 14.98 1.18
N LYS B 12 -17.87 16.12 0.68
CA LYS B 12 -17.50 16.62 -0.68
C LYS B 12 -16.16 17.40 -0.71
N ILE B 13 -15.19 16.93 -1.52
CA ILE B 13 -13.84 17.50 -1.60
C ILE B 13 -13.75 18.32 -2.86
N TYR B 14 -13.44 19.61 -2.75
CA TYR B 14 -13.27 20.46 -3.91
C TYR B 14 -11.92 20.18 -4.53
N VAL B 15 -11.86 20.13 -5.85
CA VAL B 15 -10.61 20.00 -6.58
C VAL B 15 -10.60 20.98 -7.75
N GLU B 16 -9.54 21.79 -7.85
CA GLU B 16 -9.31 22.67 -8.94
C GLU B 16 -8.55 21.82 -10.00
N ASP B 17 -9.27 21.37 -11.00
CA ASP B 17 -8.70 20.45 -11.99
C ASP B 17 -8.61 21.25 -13.31
N ILE B 18 -7.39 21.56 -13.74
CA ILE B 18 -7.14 22.51 -14.85
C ILE B 18 -6.02 22.03 -15.78
N GLY B 19 -6.25 22.06 -17.10
CA GLY B 19 -5.24 21.70 -18.10
C GLY B 19 -5.41 20.26 -18.57
N SER B 20 -4.56 19.83 -19.48
CA SER B 20 -4.57 18.45 -20.04
C SER B 20 -3.14 17.94 -20.04
N GLY B 21 -2.92 16.68 -20.36
CA GLY B 21 -1.49 16.20 -20.20
C GLY B 21 -1.10 16.05 -18.73
N GLN B 22 0.19 15.84 -18.37
CA GLN B 22 0.48 15.04 -17.15
C GLN B 22 0.08 15.73 -15.83
N PRO B 23 -0.54 14.96 -14.91
CA PRO B 23 -1.08 15.48 -13.65
C PRO B 23 -0.02 15.72 -12.58
N VAL B 24 -0.13 16.88 -11.95
CA VAL B 24 0.69 17.36 -10.86
C VAL B 24 -0.34 17.68 -9.81
N VAL B 25 -0.42 16.83 -8.78
CA VAL B 25 -1.41 16.93 -7.71
C VAL B 25 -0.71 17.72 -6.60
N MET B 26 -1.23 18.90 -6.27
CA MET B 26 -0.58 19.78 -5.31
C MET B 26 -1.40 19.84 -4.00
N LEU B 27 -0.77 19.47 -2.87
CA LEU B 27 -1.41 19.40 -1.56
C LEU B 27 -0.91 20.52 -0.61
N HIS B 28 -1.83 21.42 -0.26
CA HIS B 28 -1.51 22.67 0.46
C HIS B 28 -1.10 22.47 1.93
N GLY B 29 -0.55 23.53 2.51
CA GLY B 29 -0.25 23.48 3.95
C GLY B 29 -1.40 23.97 4.79
N TRP B 30 -1.25 23.80 6.10
CA TRP B 30 -2.17 24.33 7.10
C TRP B 30 -1.89 25.84 7.26
N PRO B 31 -2.92 26.71 7.36
CA PRO B 31 -4.34 26.37 7.20
C PRO B 31 -4.88 27.12 6.01
N ALA B 32 -4.23 26.89 4.85
CA ALA B 32 -4.52 27.69 3.68
C ALA B 32 -5.50 26.90 2.76
N ASN B 33 -5.28 26.99 1.45
CA ASN B 33 -5.97 26.16 0.44
C ASN B 33 -5.14 26.07 -0.84
N ASN B 34 -5.60 25.30 -1.83
CA ASN B 34 -4.86 25.11 -3.10
C ASN B 34 -4.43 26.39 -3.79
N ASN B 35 -5.17 27.48 -3.58
CA ASN B 35 -4.81 28.77 -4.14
C ASN B 35 -3.44 29.27 -3.71
N MET B 36 -2.87 28.79 -2.62
CA MET B 36 -1.49 29.23 -2.29
C MET B 36 -0.47 28.85 -3.39
N PHE B 37 -0.82 27.93 -4.28
CA PHE B 37 0.11 27.47 -5.32
C PHE B 37 -0.03 28.28 -6.62
N GLU B 38 -0.79 29.36 -6.61
CA GLU B 38 -1.12 30.03 -7.88
C GLU B 38 0.07 30.36 -8.80
N TYR B 39 1.18 30.89 -8.21
CA TYR B 39 2.40 31.26 -8.95
C TYR B 39 3.07 30.05 -9.65
N GLN B 40 2.99 28.87 -9.01
CA GLN B 40 3.44 27.62 -9.59
C GLN B 40 2.48 27.11 -10.62
N LYS B 41 1.20 27.16 -10.31
CA LYS B 41 0.17 26.65 -11.22
C LYS B 41 0.26 27.37 -12.56
N ASN B 42 0.51 28.68 -12.55
CA ASN B 42 0.55 29.48 -13.80
C ASN B 42 1.59 28.90 -14.73
N ARG B 43 2.75 28.61 -14.16
CA ARG B 43 3.84 27.98 -14.95
C ARG B 43 3.53 26.54 -15.37
N LEU B 44 2.98 25.68 -14.51
CA LEU B 44 2.65 24.29 -14.95
C LEU B 44 1.69 24.29 -16.13
N LEU B 45 0.71 25.16 -16.04
CA LEU B 45 -0.27 25.32 -17.16
C LEU B 45 0.38 25.82 -18.47
N GLU B 46 1.20 26.87 -18.44
CA GLU B 46 1.85 27.22 -19.71
C GLU B 46 2.78 26.13 -20.24
N GLU B 47 3.38 25.31 -19.38
CA GLU B 47 4.29 24.24 -19.87
C GLU B 47 3.48 23.00 -20.29
N GLY B 48 2.15 23.08 -20.19
CA GLY B 48 1.24 22.09 -20.71
C GLY B 48 1.01 20.91 -19.80
N TYR B 49 1.17 21.12 -18.48
CA TYR B 49 0.79 20.11 -17.48
C TYR B 49 -0.61 20.39 -16.93
N ARG B 50 -1.18 19.40 -16.25
CA ARG B 50 -2.47 19.49 -15.70
C ARG B 50 -2.33 19.67 -14.17
N TYR B 51 -2.87 20.78 -13.67
CA TYR B 51 -2.86 21.16 -12.26
C TYR B 51 -4.05 20.52 -11.56
N ILE B 52 -3.80 19.79 -10.47
CA ILE B 52 -4.85 19.23 -9.67
C ILE B 52 -4.61 19.73 -8.24
N GLY B 53 -5.27 20.82 -7.85
CA GLY B 53 -5.05 21.41 -6.51
C GLY B 53 -6.22 21.01 -5.63
N VAL B 54 -5.95 20.18 -4.66
CA VAL B 54 -6.99 19.72 -3.76
C VAL B 54 -7.20 20.70 -2.61
N ASP B 55 -8.46 21.00 -2.27
CA ASP B 55 -8.74 21.69 -0.98
C ASP B 55 -9.13 20.59 -0.06
N TYR B 56 -8.42 20.37 1.04
CA TYR B 56 -8.80 19.32 1.96
C TYR B 56 -10.16 19.66 2.54
N ARG B 57 -10.79 18.62 3.08
CA ARG B 57 -11.91 18.85 3.94
C ARG B 57 -11.51 19.91 4.98
N GLY B 58 -12.44 20.81 5.22
CA GLY B 58 -12.24 21.88 6.20
C GLY B 58 -11.70 23.18 5.59
N TYR B 59 -11.24 23.16 4.32
CA TYR B 59 -10.51 24.30 3.75
C TYR B 59 -11.10 24.69 2.46
N GLY B 60 -10.86 25.96 2.07
CA GLY B 60 -11.15 26.38 0.71
C GLY B 60 -12.64 26.16 0.44
N LYS B 61 -12.98 25.53 -0.66
CA LYS B 61 -14.40 25.36 -1.05
C LYS B 61 -14.97 23.98 -0.69
N SER B 62 -14.19 23.20 0.04
CA SER B 62 -14.64 21.85 0.45
C SER B 62 -15.63 21.96 1.61
N ASP B 63 -16.46 20.94 1.80
CA ASP B 63 -17.22 20.70 3.04
C ASP B 63 -16.27 20.59 4.23
N ALA B 64 -16.75 20.96 5.42
CA ALA B 64 -15.91 20.91 6.63
C ALA B 64 -16.71 20.07 7.65
N PRO B 65 -16.62 18.76 7.56
CA PRO B 65 -17.23 17.92 8.59
C PRO B 65 -16.57 18.04 9.96
N ALA B 66 -17.16 17.34 10.92
CA ALA B 66 -16.77 17.41 12.31
C ALA B 66 -15.45 16.75 12.53
N THR B 67 -15.20 15.73 11.72
CA THR B 67 -14.17 14.81 11.94
C THR B 67 -13.42 14.42 10.65
N GLY B 68 -12.32 13.71 10.87
CA GLY B 68 -11.53 13.08 9.84
C GLY B 68 -10.33 13.88 9.36
N TYR B 69 -9.72 14.66 10.25
CA TYR B 69 -8.56 15.51 9.92
C TYR B 69 -7.23 14.81 10.18
N ASP B 70 -7.33 13.59 10.71
CA ASP B 70 -6.18 12.70 10.92
C ASP B 70 -5.62 12.32 9.57
N TYR B 71 -4.34 12.05 9.50
CA TYR B 71 -3.68 11.88 8.17
C TYR B 71 -4.21 10.64 7.48
N THR B 72 -4.58 9.62 8.26
CA THR B 72 -5.20 8.42 7.63
C THR B 72 -6.43 8.82 6.83
N THR B 73 -7.42 9.46 7.45
CA THR B 73 -8.63 9.88 6.71
C THR B 73 -8.29 10.86 5.60
N MET B 74 -7.40 11.81 5.84
CA MET B 74 -6.99 12.79 4.80
C MET B 74 -6.34 12.14 3.57
N ALA B 75 -5.45 11.18 3.86
CA ALA B 75 -4.81 10.37 2.85
C ALA B 75 -5.85 9.55 2.08
N SER B 76 -6.87 9.07 2.78
CA SER B 76 -8.03 8.40 2.12
C SER B 76 -8.72 9.34 1.15
N ASP B 77 -8.85 10.63 1.54
CA ASP B 77 -9.47 11.62 0.63
C ASP B 77 -8.63 11.80 -0.59
N ILE B 78 -7.31 11.82 -0.41
CA ILE B 78 -6.46 11.94 -1.60
C ILE B 78 -6.63 10.70 -2.52
N ASN B 79 -6.75 9.52 -1.93
CA ASN B 79 -7.00 8.29 -2.70
C ASN B 79 -8.23 8.43 -3.51
N GLU B 80 -9.30 8.96 -2.90
CA GLU B 80 -10.49 9.24 -3.66
C GLU B 80 -10.30 10.23 -4.81
N VAL B 81 -9.55 11.30 -4.61
CA VAL B 81 -9.33 12.25 -5.66
C VAL B 81 -8.72 11.55 -6.88
N ILE B 82 -7.64 10.84 -6.64
CA ILE B 82 -6.87 10.17 -7.70
C ILE B 82 -7.71 9.06 -8.37
N GLN B 83 -8.35 8.22 -7.56
CA GLN B 83 -9.19 7.09 -8.07
C GLN B 83 -10.38 7.58 -8.87
N GLN B 84 -11.14 8.52 -8.33
CA GLN B 84 -12.32 9.11 -9.07
C GLN B 84 -11.99 9.98 -10.27
N LEU B 85 -10.84 10.67 -10.27
CA LEU B 85 -10.44 11.40 -11.47
C LEU B 85 -9.58 10.48 -12.39
N LYS B 86 -9.30 9.26 -11.95
CA LYS B 86 -8.65 8.22 -12.79
C LYS B 86 -7.29 8.68 -13.31
N LEU B 87 -6.48 9.19 -12.38
CA LEU B 87 -5.20 9.72 -12.68
C LEU B 87 -4.17 8.61 -12.53
N THR B 88 -3.18 8.62 -13.40
CA THR B 88 -1.90 7.86 -13.19
C THR B 88 -0.68 8.67 -13.58
N ASN B 89 0.52 8.17 -13.26
CA ASN B 89 1.77 8.88 -13.52
C ASN B 89 1.79 10.25 -12.84
N VAL B 90 1.18 10.36 -11.67
CA VAL B 90 1.02 11.71 -11.08
C VAL B 90 2.33 12.12 -10.43
N THR B 91 2.65 13.38 -10.57
CA THR B 91 3.63 13.99 -9.65
C THR B 91 2.87 14.52 -8.44
N LEU B 92 3.18 14.00 -7.28
CA LEU B 92 2.49 14.37 -6.05
C LEU B 92 3.39 15.37 -5.21
N LEU B 93 2.95 16.60 -5.04
CA LEU B 93 3.69 17.57 -4.19
C LEU B 93 2.91 17.86 -2.91
N GLY B 94 3.56 17.70 -1.77
CA GLY B 94 2.97 18.10 -0.53
C GLY B 94 3.77 19.21 0.11
N PHE B 95 3.11 20.28 0.46
CA PHE B 95 3.74 21.42 1.18
C PHE B 95 3.30 21.35 2.63
N SER B 96 4.26 21.30 3.53
CA SER B 96 4.02 21.32 4.94
C SER B 96 3.10 20.19 5.41
N MET B 97 1.94 20.46 5.99
CA MET B 97 1.04 19.37 6.37
C MET B 97 0.74 18.43 5.17
N GLY B 98 0.74 19.03 3.98
CA GLY B 98 0.60 18.35 2.68
C GLY B 98 1.64 17.30 2.42
N GLY B 99 2.85 17.59 2.85
CA GLY B 99 3.93 16.63 2.88
C GLY B 99 3.61 15.39 3.68
N GLY B 100 3.17 15.60 4.91
CA GLY B 100 2.78 14.51 5.76
C GLY B 100 1.66 13.67 5.17
N ILE B 101 0.66 14.36 4.62
CA ILE B 101 -0.49 13.66 4.02
C ILE B 101 -0.07 12.89 2.77
N ALA B 102 0.77 13.49 1.94
CA ALA B 102 1.32 12.79 0.78
C ALA B 102 2.02 11.47 1.13
N LEU B 103 2.86 11.46 2.14
CA LEU B 103 3.53 10.24 2.66
C LEU B 103 2.54 9.17 3.13
N LYS B 104 1.56 9.61 3.94
CA LYS B 104 0.57 8.72 4.50
C LYS B 104 -0.26 8.06 3.39
N TYR B 105 -0.57 8.86 2.37
CA TYR B 105 -1.27 8.40 1.20
C TYR B 105 -0.47 7.32 0.51
N LEU B 106 0.82 7.57 0.35
CA LEU B 106 1.70 6.50 -0.26
C LEU B 106 1.77 5.23 0.58
N LEU B 107 1.88 5.37 1.90
CA LEU B 107 1.92 4.22 2.77
C LEU B 107 0.58 3.47 2.79
N ASN B 108 -0.53 4.19 2.86
CA ASN B 108 -1.84 3.53 3.01
C ASN B 108 -2.47 3.02 1.73
N HIS B 109 -2.12 3.64 0.60
CA HIS B 109 -2.66 3.23 -0.66
C HIS B 109 -1.67 2.79 -1.73
N GLY B 110 -0.37 2.73 -1.43
CA GLY B 110 0.65 2.31 -2.41
C GLY B 110 1.01 3.39 -3.44
N GLU B 111 1.96 3.03 -4.29
CA GLU B 111 2.58 3.94 -5.25
C GLU B 111 2.23 3.72 -6.71
N SER B 112 1.30 2.81 -7.01
CA SER B 112 1.01 2.48 -8.45
C SER B 112 0.51 3.62 -9.32
N ASN B 113 -0.10 4.69 -8.75
CA ASN B 113 -0.54 5.86 -9.57
C ASN B 113 0.43 7.02 -9.57
N VAL B 114 1.47 6.94 -8.75
CA VAL B 114 2.40 8.11 -8.53
C VAL B 114 3.79 7.84 -9.10
N SER B 115 4.23 8.68 -10.01
CA SER B 115 5.57 8.55 -10.57
C SER B 115 6.68 9.25 -9.75
N LYS B 116 6.34 10.38 -9.12
CA LYS B 116 7.30 11.08 -8.25
C LYS B 116 6.63 11.88 -7.15
N LEU B 117 7.37 12.08 -6.07
CA LEU B 117 6.94 12.78 -4.88
C LEU B 117 7.83 14.02 -4.66
N ILE B 118 7.23 15.14 -4.32
CA ILE B 118 7.96 16.31 -3.93
C ILE B 118 7.47 16.64 -2.56
N LEU B 119 8.40 16.90 -1.64
CA LEU B 119 8.04 17.23 -0.28
C LEU B 119 8.64 18.62 -0.07
N ALA B 120 7.81 19.65 0.16
CA ALA B 120 8.21 21.07 0.12
C ALA B 120 7.93 21.62 1.50
N GLY B 121 8.97 21.96 2.28
CA GLY B 121 8.79 22.41 3.64
C GLY B 121 7.97 21.46 4.50
N ALA B 122 8.05 20.15 4.25
CA ALA B 122 7.07 19.22 4.78
C ALA B 122 7.12 19.07 6.31
N ALA B 123 5.94 18.88 6.88
CA ALA B 123 5.76 18.55 8.29
C ALA B 123 5.96 17.06 8.51
N ALA B 124 7.19 16.63 8.34
CA ALA B 124 7.50 15.20 8.39
C ALA B 124 8.96 14.98 8.68
N PRO B 125 9.29 13.84 9.32
CA PRO B 125 8.31 12.77 9.74
C PRO B 125 7.39 13.07 10.93
N VAL B 126 7.71 14.10 11.68
CA VAL B 126 6.89 14.53 12.79
C VAL B 126 7.03 16.02 12.81
N PHE B 127 5.94 16.69 13.12
CA PHE B 127 5.96 18.17 13.19
C PHE B 127 6.38 18.68 14.58
N THR B 128 6.19 17.84 15.59
CA THR B 128 6.48 18.19 16.98
C THR B 128 7.60 17.27 17.56
N GLN B 129 8.26 17.75 18.61
CA GLN B 129 9.41 17.01 19.19
C GLN B 129 8.97 15.71 19.84
N ARG B 130 9.85 14.72 19.83
CA ARG B 130 9.61 13.40 20.42
C ARG B 130 10.93 12.88 20.96
N ASP B 131 10.82 11.83 21.79
CA ASP B 131 11.92 11.03 22.36
C ASP B 131 13.35 11.32 21.83
N GLY B 132 13.68 10.83 20.64
CA GLY B 132 14.97 11.10 19.96
C GLY B 132 14.76 11.86 18.66
N TYR B 133 13.90 12.89 18.72
CA TYR B 133 13.57 13.72 17.55
C TYR B 133 13.44 15.12 18.12
N PRO B 134 14.57 15.73 18.45
CA PRO B 134 14.52 17.00 19.19
C PRO B 134 14.47 18.22 18.24
N TYR B 135 13.49 18.20 17.34
CA TYR B 135 13.32 19.25 16.33
C TYR B 135 11.85 19.61 16.23
N GLY B 136 11.56 20.91 16.16
CA GLY B 136 10.23 21.45 15.85
C GLY B 136 9.54 22.04 17.06
N MET B 137 8.30 22.45 16.89
CA MET B 137 7.50 22.88 17.99
C MET B 137 7.32 21.72 18.99
N THR B 138 7.15 22.00 20.28
CA THR B 138 6.88 20.93 21.22
C THR B 138 5.41 20.79 21.06
N LYS B 139 4.84 19.73 21.61
CA LYS B 139 3.40 19.58 21.70
C LYS B 139 2.67 20.72 22.38
N ASP B 140 3.29 21.30 23.40
CA ASP B 140 2.64 22.39 24.11
C ASP B 140 2.61 23.69 23.25
N GLU B 141 3.62 23.92 22.41
CA GLU B 141 3.52 25.03 21.44
C GLU B 141 2.34 24.91 20.44
N VAL B 142 1.96 23.71 20.06
CA VAL B 142 0.84 23.57 19.11
C VAL B 142 -0.51 23.71 19.82
N ASP B 143 -0.59 23.17 21.04
CA ASP B 143 -1.72 23.48 21.93
C ASP B 143 -1.93 24.99 22.13
N ALA B 144 -0.84 25.74 22.23
CA ALA B 144 -0.90 27.20 22.28
C ALA B 144 -1.57 27.81 21.03
N LEU B 145 -1.21 27.32 19.84
CA LEU B 145 -1.89 27.75 18.63
C LEU B 145 -3.37 27.39 18.58
N ILE B 146 -3.68 26.18 19.03
CA ILE B 146 -5.06 25.73 19.07
C ILE B 146 -5.91 26.62 20.03
N GLU B 147 -5.31 26.96 21.15
CA GLU B 147 -5.96 27.79 22.18
C GLU B 147 -6.25 29.15 21.61
N ASP B 148 -5.26 29.72 20.93
CA ASP B 148 -5.37 31.00 20.23
C ASP B 148 -6.46 30.96 19.12
N THR B 149 -6.50 29.89 18.31
CA THR B 149 -7.59 29.83 17.30
C THR B 149 -8.99 29.77 17.90
N LYS B 150 -9.13 29.22 19.11
CA LYS B 150 -10.42 29.18 19.80
C LYS B 150 -10.90 30.53 20.40
N GLN B 151 -10.07 31.55 20.33
CA GLN B 151 -10.31 32.89 20.90
C GLN B 151 -10.25 34.03 19.92
N ASP B 152 -9.36 33.92 18.91
CA ASP B 152 -9.12 35.04 17.96
C ASP B 152 -8.33 34.39 16.81
N ARG B 153 -9.04 33.74 15.88
CA ARG B 153 -8.35 33.05 14.76
C ARG B 153 -7.63 34.03 13.81
N PRO B 154 -8.26 35.13 13.41
CA PRO B 154 -7.45 35.98 12.51
C PRO B 154 -6.16 36.53 13.14
N SER B 155 -6.17 36.80 14.46
CA SER B 155 -4.91 37.27 15.16
C SER B 155 -3.82 36.19 15.23
N MET B 156 -4.27 34.97 15.51
CA MET B 156 -3.47 33.72 15.45
C MET B 156 -2.77 33.66 14.12
N LEU B 157 -3.58 33.79 13.06
CA LEU B 157 -3.06 33.76 11.68
C LEU B 157 -2.05 34.84 11.35
N LYS B 158 -2.30 36.08 11.72
CA LYS B 158 -1.33 37.17 11.49
C LYS B 158 0.02 36.81 12.16
N GLY B 159 -0.06 36.26 13.35
CA GLY B 159 1.10 35.78 14.06
C GLY B 159 1.82 34.68 13.35
N PHE B 160 1.07 33.72 12.80
CA PHE B 160 1.68 32.65 12.01
C PHE B 160 2.33 33.15 10.67
N GLY B 161 1.65 34.08 9.98
CA GLY B 161 2.18 34.80 8.78
C GLY B 161 3.56 35.46 9.02
N GLU B 162 3.73 35.98 10.23
CA GLU B 162 4.97 36.64 10.66
C GLU B 162 6.18 35.69 10.76
N ILE B 163 5.91 34.42 11.09
CA ILE B 163 6.94 33.39 11.19
C ILE B 163 7.03 32.50 9.91
N PHE B 164 6.24 32.83 8.88
CA PHE B 164 6.01 31.99 7.68
C PHE B 164 7.00 32.32 6.58
N PHE B 165 7.45 33.58 6.50
CA PHE B 165 8.24 34.07 5.37
C PHE B 165 9.52 34.64 5.90
N ALA B 166 10.59 34.44 5.17
CA ALA B 166 11.88 35.02 5.57
C ALA B 166 11.96 36.51 5.17
N LYS B 167 11.27 36.87 4.08
CA LYS B 167 11.29 38.25 3.59
C LYS B 167 9.97 38.95 3.87
N GLU B 168 10.04 40.28 3.99
CA GLU B 168 8.84 41.08 4.07
C GLU B 168 8.28 41.26 2.65
N HIS B 169 7.12 40.67 2.35
CA HIS B 169 6.49 40.81 1.01
C HIS B 169 5.51 41.99 1.03
N PRO B 170 5.12 42.46 -0.17
CA PRO B 170 4.24 43.61 -0.26
C PRO B 170 2.95 43.38 0.54
N GLU B 171 2.45 44.42 1.15
CA GLU B 171 1.25 44.39 1.97
C GLU B 171 0.06 43.67 1.22
N PRO B 172 -0.19 44.02 -0.04
CA PRO B 172 -1.28 43.32 -0.74
C PRO B 172 -1.05 41.84 -0.94
N LEU B 173 0.21 41.38 -1.16
CA LEU B 173 0.53 39.96 -1.22
C LEU B 173 0.30 39.25 0.13
N GLN B 174 0.80 39.82 1.22
CA GLN B 174 0.54 39.26 2.54
C GLN B 174 -0.94 39.16 2.85
N GLN B 175 -1.74 40.18 2.47
CA GLN B 175 -3.16 40.15 2.76
C GLN B 175 -3.87 39.03 1.99
N TRP B 176 -3.48 38.89 0.74
CA TRP B 176 -3.97 37.77 -0.05
C TRP B 176 -3.76 36.45 0.69
N PHE B 177 -2.55 36.22 1.17
CA PHE B 177 -2.17 34.97 1.77
C PHE B 177 -2.89 34.75 3.08
N HIS B 178 -2.95 35.82 3.88
CA HIS B 178 -3.79 35.83 5.08
C HIS B 178 -5.25 35.41 4.83
N ASN B 179 -5.89 36.04 3.82
CA ASN B 179 -7.28 35.75 3.54
C ASN B 179 -7.53 34.30 3.06
N LEU B 180 -6.51 33.65 2.43
CA LEU B 180 -6.60 32.23 2.08
C LEU B 180 -6.79 31.39 3.34
N SER B 181 -6.15 31.78 4.44
CA SER B 181 -6.32 31.11 5.66
C SER B 181 -7.56 31.49 6.43
N VAL B 182 -8.02 32.73 6.32
CA VAL B 182 -9.25 33.13 7.03
C VAL B 182 -10.49 32.40 6.48
N ASP B 183 -10.45 32.06 5.20
CA ASP B 183 -11.44 31.20 4.55
C ASP B 183 -11.60 29.82 5.13
N ALA B 184 -10.57 29.29 5.73
CA ALA B 184 -10.59 28.00 6.30
C ALA B 184 -11.70 27.91 7.39
N SER B 185 -12.34 26.76 7.47
CA SER B 185 -13.23 26.50 8.60
C SER B 185 -12.44 26.59 9.95
N SER B 186 -13.01 27.21 10.97
CA SER B 186 -12.34 27.28 12.27
C SER B 186 -12.09 25.88 12.83
N HIS B 187 -13.07 24.99 12.62
CA HIS B 187 -13.04 23.68 13.30
C HIS B 187 -12.10 22.71 12.57
N GLY B 188 -12.02 22.80 11.25
CA GLY B 188 -10.95 22.08 10.53
C GLY B 188 -9.55 22.52 10.91
N THR B 189 -9.36 23.84 10.98
CA THR B 189 -8.11 24.40 11.41
C THR B 189 -7.72 23.79 12.75
N ILE B 190 -8.64 23.73 13.70
CA ILE B 190 -8.31 23.10 15.01
C ILE B 190 -7.97 21.61 14.92
N GLN B 191 -8.86 20.83 14.34
CA GLN B 191 -8.66 19.37 14.19
C GLN B 191 -7.37 19.01 13.42
N SER B 192 -6.99 19.79 12.40
CA SER B 192 -5.72 19.53 11.69
C SER B 192 -4.51 19.89 12.51
N ALA B 193 -4.58 20.97 13.30
CA ALA B 193 -3.54 21.25 14.34
C ALA B 193 -3.33 20.11 15.31
N ILE B 194 -4.40 19.40 15.69
CA ILE B 194 -4.30 18.21 16.57
C ILE B 194 -3.55 17.06 15.85
N ALA B 195 -3.85 16.84 14.59
CA ALA B 195 -3.12 15.87 13.77
C ALA B 195 -1.66 16.32 13.60
N LEU B 196 -1.44 17.60 13.35
CA LEU B 196 -0.06 18.12 13.33
C LEU B 196 0.64 17.81 14.64
N ARG B 197 -0.07 17.95 15.76
CA ARG B 197 0.60 17.75 16.98
C ARG B 197 1.01 16.29 17.15
N ASP B 198 0.15 15.38 16.73
CA ASP B 198 0.21 13.98 17.19
C ASP B 198 0.76 12.99 16.18
N GLU B 199 0.69 13.28 14.88
CA GLU B 199 1.03 12.30 13.85
C GLU B 199 2.54 12.09 13.77
N ASP B 200 2.96 10.87 13.49
CA ASP B 200 4.38 10.48 13.55
C ASP B 200 4.62 9.46 12.44
N LEU B 201 5.32 9.87 11.38
CA LEU B 201 5.57 9.00 10.26
C LEU B 201 6.99 8.41 10.25
N ARG B 202 7.69 8.40 11.38
CA ARG B 202 9.11 7.94 11.36
C ARG B 202 9.29 6.49 10.83
N ASP B 203 8.50 5.57 11.35
CA ASP B 203 8.48 4.17 10.85
C ASP B 203 8.23 4.01 9.36
N GLY B 204 7.44 4.92 8.78
CA GLY B 204 7.00 4.82 7.41
C GLY B 204 7.97 5.28 6.34
N LEU B 205 8.80 6.28 6.64
CA LEU B 205 9.79 6.81 5.69
C LEU B 205 10.60 5.78 4.91
N PRO B 206 11.22 4.81 5.60
CA PRO B 206 11.90 3.75 4.83
C PRO B 206 11.02 2.81 3.96
N LYS B 207 9.69 2.93 4.00
CA LYS B 207 8.80 2.14 3.15
C LYS B 207 8.47 2.84 1.85
N ILE B 208 8.82 4.13 1.78
CA ILE B 208 8.59 4.90 0.58
C ILE B 208 9.58 4.40 -0.44
N THR B 209 9.10 4.11 -1.67
CA THR B 209 9.92 3.63 -2.82
C THR B 209 10.02 4.61 -3.98
N VAL B 210 9.13 5.58 -4.03
CA VAL B 210 8.99 6.46 -5.18
C VAL B 210 10.16 7.43 -5.20
N ASP B 211 10.56 7.82 -6.40
CA ASP B 211 11.49 8.93 -6.61
C ASP B 211 11.04 10.18 -5.89
N THR B 212 11.88 10.68 -4.98
CA THR B 212 11.55 11.86 -4.18
C THR B 212 12.51 13.06 -4.34
N LEU B 213 11.92 14.26 -4.38
CA LEU B 213 12.63 15.53 -4.22
C LEU B 213 12.14 16.25 -2.97
N ILE B 214 13.09 16.66 -2.10
CA ILE B 214 12.83 17.42 -0.90
C ILE B 214 13.27 18.85 -1.21
N MET B 215 12.37 19.80 -1.02
CA MET B 215 12.60 21.22 -1.21
C MET B 215 12.39 21.80 0.19
N HIS B 216 13.36 22.57 0.74
CA HIS B 216 13.14 23.11 2.08
C HIS B 216 13.98 24.39 2.31
N GLY B 217 13.35 25.38 2.96
CA GLY B 217 13.98 26.65 3.35
C GLY B 217 14.96 26.49 4.51
N LYS B 218 16.17 27.04 4.32
CA LYS B 218 17.16 27.01 5.37
C LYS B 218 16.63 27.75 6.61
N LYS B 219 15.82 28.81 6.39
CA LYS B 219 15.29 29.65 7.45
C LYS B 219 13.87 29.41 7.95
N ASP B 220 13.33 28.21 7.71
CA ASP B 220 11.98 27.89 8.06
C ASP B 220 11.86 27.81 9.58
N GLN B 221 10.99 28.64 10.15
CA GLN B 221 10.74 28.68 11.57
C GLN B 221 9.57 27.78 11.92
N VAL B 222 8.82 27.35 10.90
CA VAL B 222 7.62 26.57 11.12
C VAL B 222 7.92 25.04 11.17
N CYS B 223 8.54 24.55 10.07
CA CYS B 223 9.14 23.27 9.94
C CYS B 223 10.65 23.47 9.81
N PRO B 224 11.38 23.19 10.88
CA PRO B 224 12.78 23.48 10.83
C PRO B 224 13.54 22.63 9.78
N PHE B 225 14.55 23.25 9.23
CA PHE B 225 15.35 22.59 8.22
C PHE B 225 15.83 21.19 8.60
N GLU B 226 16.08 20.94 9.91
CA GLU B 226 16.42 19.62 10.41
C GLU B 226 15.41 18.52 9.97
N PHE B 227 14.13 18.85 9.87
CA PHE B 227 13.14 17.86 9.30
C PHE B 227 13.60 17.37 7.92
N ALA B 228 14.13 18.29 7.10
CA ALA B 228 14.58 17.94 5.75
C ALA B 228 15.75 16.97 5.76
N GLU B 229 16.72 17.23 6.64
CA GLU B 229 17.83 16.29 6.84
C GLU B 229 17.34 14.89 7.20
N VAL B 230 16.34 14.82 8.05
CA VAL B 230 15.82 13.54 8.49
C VAL B 230 15.14 12.81 7.32
N MET B 231 14.37 13.56 6.55
CA MET B 231 13.68 12.97 5.43
C MET B 231 14.63 12.46 4.38
N HIS B 232 15.67 13.24 4.08
CA HIS B 232 16.70 12.91 3.08
C HIS B 232 17.49 11.63 3.47
N GLU B 233 17.70 11.43 4.76
CA GLU B 233 18.43 10.28 5.21
C GLU B 233 17.61 9.01 5.06
N ASN B 234 16.31 9.13 5.30
CA ASN B 234 15.41 7.98 5.46
C ASN B 234 14.55 7.59 4.26
N ILE B 235 14.35 8.51 3.32
CA ILE B 235 13.61 8.18 2.10
C ILE B 235 14.69 7.84 1.06
N ALA B 236 14.58 6.61 0.53
CA ALA B 236 15.51 6.05 -0.42
C ALA B 236 15.61 6.79 -1.73
N GLY B 237 16.82 7.12 -2.10
CA GLY B 237 17.05 7.85 -3.31
C GLY B 237 16.61 9.31 -3.36
N SER B 238 15.91 9.85 -2.34
CA SER B 238 15.54 11.28 -2.31
C SER B 238 16.68 12.27 -2.65
N ARG B 239 16.39 13.29 -3.45
CA ARG B 239 17.29 14.44 -3.63
C ARG B 239 16.87 15.58 -2.70
N LEU B 240 17.80 16.44 -2.35
CA LEU B 240 17.50 17.58 -1.48
C LEU B 240 17.92 18.86 -2.15
N GLU B 241 16.99 19.80 -2.37
CA GLU B 241 17.33 21.16 -2.80
C GLU B 241 17.05 22.18 -1.69
N VAL B 242 18.10 22.84 -1.23
CA VAL B 242 18.05 23.75 -0.10
C VAL B 242 17.74 25.12 -0.68
N PHE B 243 16.77 25.79 -0.07
CA PHE B 243 16.41 27.12 -0.45
C PHE B 243 17.08 28.03 0.57
N GLU B 244 18.15 28.68 0.14
CA GLU B 244 19.06 29.38 1.07
C GLU B 244 18.45 30.64 1.59
N GLU B 245 17.56 31.22 0.80
CA GLU B 245 17.05 32.52 1.06
C GLU B 245 15.57 32.46 1.55
N SER B 246 15.07 31.26 1.91
CA SER B 246 13.66 31.08 2.18
C SER B 246 13.39 30.59 3.56
N GLY B 247 12.27 31.04 4.07
CA GLY B 247 11.65 30.48 5.22
C GLY B 247 10.74 29.35 4.77
N HIS B 248 9.66 29.23 5.49
CA HIS B 248 8.66 28.20 5.22
C HIS B 248 8.06 28.44 3.85
N GLY B 249 7.65 29.66 3.60
CA GLY B 249 6.98 30.00 2.36
C GLY B 249 7.88 30.20 1.20
N MET B 250 8.63 29.16 0.79
CA MET B 250 9.52 29.34 -0.35
C MET B 250 8.84 29.72 -1.63
N PHE B 251 7.57 29.34 -1.73
CA PHE B 251 6.81 29.57 -2.96
C PHE B 251 6.63 31.07 -3.27
N LEU B 252 6.86 31.94 -2.27
CA LEU B 252 7.03 33.37 -2.45
C LEU B 252 8.43 33.93 -2.11
N ASP B 253 9.10 33.41 -1.08
CA ASP B 253 10.45 33.89 -0.73
C ASP B 253 11.44 33.72 -1.92
N GLU B 254 11.35 32.60 -2.64
CA GLU B 254 12.18 32.28 -3.83
C GLU B 254 11.28 31.73 -4.92
N ARG B 255 10.27 32.54 -5.24
CA ARG B 255 9.27 32.16 -6.18
C ARG B 255 9.80 31.51 -7.45
N GLU B 256 10.68 32.22 -8.15
CA GLU B 256 11.23 31.75 -9.40
C GLU B 256 12.00 30.45 -9.29
N LYS B 257 12.88 30.35 -8.29
CA LYS B 257 13.64 29.13 -8.08
C LYS B 257 12.72 27.94 -7.69
N PHE B 258 11.78 28.21 -6.80
CA PHE B 258 10.84 27.16 -6.38
C PHE B 258 10.08 26.66 -7.61
N THR B 259 9.46 27.58 -8.38
CA THR B 259 8.70 27.20 -9.58
C THR B 259 9.53 26.47 -10.62
N GLU B 260 10.71 26.98 -10.93
CA GLU B 260 11.42 26.36 -12.01
C GLU B 260 12.11 25.03 -11.61
N THR B 261 12.48 24.84 -10.33
CA THR B 261 12.84 23.52 -9.80
C THR B 261 11.67 22.49 -9.86
N LEU B 262 10.46 22.97 -9.60
CA LEU B 262 9.28 22.09 -9.53
C LEU B 262 8.99 21.62 -10.97
N VAL B 263 9.07 22.56 -11.89
CA VAL B 263 8.81 22.33 -13.28
C VAL B 263 9.79 21.37 -13.91
N SER B 264 11.06 21.61 -13.65
CA SER B 264 12.12 20.73 -14.12
C SER B 264 11.94 19.30 -13.63
N TYR B 265 11.64 19.11 -12.35
CA TYR B 265 11.40 17.80 -11.79
C TYR B 265 10.14 17.12 -12.36
N VAL B 266 9.06 17.87 -12.56
CA VAL B 266 7.88 17.30 -13.25
C VAL B 266 8.27 16.81 -14.66
N LYS B 267 9.07 17.61 -15.38
CA LYS B 267 9.66 17.21 -16.69
C LYS B 267 10.56 15.96 -16.64
N SER B 268 11.46 15.86 -15.63
CA SER B 268 12.25 14.65 -15.41
C SER B 268 12.72 14.41 -13.98
N SER B 269 12.66 13.15 -13.57
CA SER B 269 13.06 12.69 -12.23
C SER B 269 14.58 12.54 -12.15
#